data_3O03
#
_entry.id   3O03
#
_cell.length_a   71.244
_cell.length_b   75.272
_cell.length_c   98.700
_cell.angle_alpha   90.00
_cell.angle_beta   90.00
_cell.angle_gamma   90.00
#
_symmetry.space_group_name_H-M   'I 2 2 2'
#
loop_
_entity.id
_entity.type
_entity.pdbx_description
1 polymer 'Dehydrogenase with different specificities'
2 non-polymer 'CALCIUM ION'
3 non-polymer 'NADP NICOTINAMIDE-ADENINE-DINUCLEOTIDE PHOSPHATE'
4 non-polymer 'D-gluconic acid'
5 water water
#
_entity_poly.entity_id   1
_entity_poly.type   'polypeptide(L)'
_entity_poly.pdbx_seq_one_letter_code
;MGSSHHHHHHSSGLVPRGSHMNQQFSLDQFSLKGKIALVTGASYGIGFAIASAYAKAGATIVFNDINQELVDRGMAAYKA
AGINAHGYVCDVTDEDGIQAMVAQIESEVGIIDILVNNAGIIRRVPMIEMTAAQFRQVIDIDLNAPFIVSKAVIPSMIKK
GHGKIINICSMMSELGRETVSAYAAAKGGLKMLTKNIASEYGEANIQCNGIGPGYIATPQTAPLRELQKDGSRHPFDQFI
IAKTPAARWGEAEDLMGPAVFLASDASNFVNGHILYVDGGILAYIGKQPEA
;
_entity_poly.pdbx_strand_id   A
#
# COMPACT_ATOMS: atom_id res chain seq x y z
N GLN A 24 0.07 23.06 -20.31
CA GLN A 24 1.00 23.85 -19.45
C GLN A 24 0.95 23.26 -18.03
N PHE A 25 2.12 23.06 -17.42
CA PHE A 25 2.15 22.39 -16.11
C PHE A 25 1.40 23.16 -15.04
N SER A 26 0.68 22.44 -14.18
CA SER A 26 0.16 23.02 -12.94
C SER A 26 0.43 22.10 -11.75
N LEU A 27 0.69 22.68 -10.57
CA LEU A 27 0.73 21.89 -9.31
C LEU A 27 -0.58 21.16 -9.02
N ASP A 28 -1.70 21.61 -9.62
CA ASP A 28 -2.96 20.86 -9.54
C ASP A 28 -2.85 19.40 -10.01
N GLN A 29 -1.81 19.06 -10.78
CA GLN A 29 -1.60 17.67 -11.21
C GLN A 29 -1.38 16.71 -10.01
N PHE A 30 -0.88 17.23 -8.89
CA PHE A 30 -0.71 16.47 -7.63
C PHE A 30 -1.99 16.35 -6.81
N SER A 31 -2.99 17.17 -7.13
CA SER A 31 -4.25 17.17 -6.34
C SER A 31 -5.13 15.92 -6.53
N LEU A 32 -5.67 15.39 -5.44
CA LEU A 32 -6.64 14.29 -5.53
C LEU A 32 -8.08 14.75 -5.35
N LYS A 33 -8.32 16.04 -5.49
CA LYS A 33 -9.66 16.56 -5.39
C LYS A 33 -10.61 15.78 -6.31
N GLY A 34 -11.76 15.39 -5.76
CA GLY A 34 -12.83 14.81 -6.56
C GLY A 34 -12.67 13.32 -6.76
N LYS A 35 -11.60 12.77 -6.18
CA LYS A 35 -11.32 11.36 -6.31
C LYS A 35 -11.61 10.57 -5.05
N ILE A 36 -11.95 9.29 -5.22
CA ILE A 36 -12.16 8.40 -4.12
C ILE A 36 -11.01 7.38 -4.07
N ALA A 37 -10.44 7.19 -2.88
CA ALA A 37 -9.38 6.19 -2.66
C ALA A 37 -9.80 5.15 -1.65
N LEU A 38 -9.56 3.88 -2.01
CA LEU A 38 -9.66 2.77 -1.12
C LEU A 38 -8.23 2.39 -0.67
N VAL A 39 -8.00 2.50 0.63
CA VAL A 39 -6.76 2.04 1.20
C VAL A 39 -7.12 0.83 2.10
N THR A 40 -6.60 -0.33 1.77
CA THR A 40 -6.95 -1.53 2.53
C THR A 40 -6.15 -1.57 3.83
N GLY A 41 -6.78 -2.06 4.89
CA GLY A 41 -6.14 -2.11 6.22
C GLY A 41 -5.66 -0.79 6.77
N ALA A 42 -6.39 0.30 6.52
CA ALA A 42 -5.92 1.66 6.84
C ALA A 42 -6.47 2.22 8.20
N SER A 43 -6.60 1.34 9.19
CA SER A 43 -7.03 1.76 10.53
C SER A 43 -5.94 2.42 11.43
N TYR A 44 -4.67 2.14 11.16
CA TYR A 44 -3.53 2.75 11.85
C TYR A 44 -2.30 2.59 10.97
N GLY A 45 -1.13 2.93 11.50
CA GLY A 45 0.15 2.68 10.80
C GLY A 45 0.33 3.37 9.46
N ILE A 46 1.02 2.68 8.56
CA ILE A 46 1.34 3.23 7.24
C ILE A 46 0.08 3.48 6.39
N GLY A 47 -0.87 2.55 6.41
CA GLY A 47 -2.15 2.73 5.67
C GLY A 47 -2.88 3.99 6.11
N PHE A 48 -2.96 4.21 7.44
CA PHE A 48 -3.62 5.41 7.98
C PHE A 48 -2.91 6.69 7.50
N ALA A 49 -1.58 6.66 7.48
CA ALA A 49 -0.77 7.84 7.09
C ALA A 49 -0.97 8.18 5.62
N ILE A 50 -1.01 7.14 4.77
CA ILE A 50 -1.23 7.33 3.33
C ILE A 50 -2.65 7.87 3.11
N ALA A 51 -3.64 7.24 3.74
CA ALA A 51 -5.05 7.71 3.64
C ALA A 51 -5.22 9.14 4.11
N SER A 52 -4.57 9.51 5.24
CA SER A 52 -4.60 10.88 5.76
C SER A 52 -4.05 11.88 4.79
N ALA A 53 -2.89 11.57 4.20
CA ALA A 53 -2.32 12.39 3.19
C ALA A 53 -3.23 12.55 1.94
N TYR A 54 -3.81 11.45 1.50
CA TYR A 54 -4.78 11.41 0.38
C TYR A 54 -5.94 12.37 0.64
N ALA A 55 -6.54 12.28 1.83
CA ALA A 55 -7.59 13.22 2.27
C ALA A 55 -7.13 14.66 2.25
N LYS A 56 -5.95 14.94 2.79
CA LYS A 56 -5.35 16.27 2.72
C LYS A 56 -5.09 16.77 1.29
N ALA A 57 -4.80 15.83 0.39
CA ALA A 57 -4.60 16.15 -1.04
C ALA A 57 -5.94 16.31 -1.78
N GLY A 58 -7.05 16.08 -1.08
CA GLY A 58 -8.38 16.33 -1.65
C GLY A 58 -9.28 15.13 -1.76
N ALA A 59 -8.76 13.93 -1.49
CA ALA A 59 -9.50 12.71 -1.77
C ALA A 59 -10.56 12.38 -0.71
N THR A 60 -11.57 11.64 -1.14
CA THR A 60 -12.49 10.97 -0.24
C THR A 60 -11.94 9.60 0.13
N ILE A 61 -11.93 9.29 1.43
CA ILE A 61 -11.30 8.12 1.97
C ILE A 61 -12.30 7.01 2.31
N VAL A 62 -12.05 5.83 1.75
CA VAL A 62 -12.69 4.58 2.17
C VAL A 62 -11.59 3.59 2.57
N PHE A 63 -11.92 2.73 3.52
CA PHE A 63 -10.96 1.76 4.04
C PHE A 63 -11.66 0.56 4.66
N ASN A 64 -10.94 -0.54 4.77
CA ASN A 64 -11.46 -1.75 5.36
C ASN A 64 -10.48 -2.30 6.37
N ASP A 65 -11.01 -3.09 7.30
CA ASP A 65 -10.15 -3.88 8.16
C ASP A 65 -10.86 -5.16 8.60
N ILE A 66 -10.16 -6.07 9.27
CA ILE A 66 -10.65 -7.45 9.51
C ILE A 66 -11.77 -7.57 10.53
N ASN A 67 -11.85 -6.63 11.48
CA ASN A 67 -12.89 -6.62 12.52
C ASN A 67 -13.45 -5.23 12.77
N GLN A 68 -14.61 -5.16 13.43
CA GLN A 68 -15.27 -3.89 13.75
C GLN A 68 -14.44 -2.99 14.62
N GLU A 69 -13.72 -3.58 15.59
CA GLU A 69 -12.93 -2.83 16.56
C GLU A 69 -11.85 -1.98 15.88
N LEU A 70 -11.06 -2.60 14.98
CA LEU A 70 -10.09 -1.90 14.12
C LEU A 70 -10.73 -0.83 13.26
N VAL A 71 -11.87 -1.13 12.67
CA VAL A 71 -12.58 -0.15 11.85
C VAL A 71 -12.98 1.05 12.71
N ASP A 72 -13.54 0.78 13.90
CA ASP A 72 -13.94 1.84 14.83
C ASP A 72 -12.75 2.71 15.22
N ARG A 73 -11.60 2.06 15.49
CA ARG A 73 -10.34 2.76 15.76
C ARG A 73 -9.94 3.72 14.63
N GLY A 74 -9.93 3.21 13.39
CA GLY A 74 -9.58 4.03 12.23
C GLY A 74 -10.58 5.17 12.09
N MET A 75 -11.87 4.84 12.19
CA MET A 75 -12.93 5.86 12.07
C MET A 75 -12.76 7.08 13.01
N ALA A 76 -12.47 6.79 14.30
CA ALA A 76 -12.17 7.82 15.30
C ALA A 76 -10.92 8.62 15.00
N ALA A 77 -9.86 7.93 14.58
CA ALA A 77 -8.63 8.60 14.21
C ALA A 77 -8.79 9.53 12.99
N TYR A 78 -9.52 9.06 11.97
CA TYR A 78 -9.86 9.93 10.82
C TYR A 78 -10.63 11.19 11.26
N LYS A 79 -11.68 10.96 12.05
CA LYS A 79 -12.50 12.04 12.61
C LYS A 79 -11.64 13.04 13.36
N ALA A 80 -10.76 12.55 14.24
CA ALA A 80 -9.84 13.44 14.93
C ALA A 80 -8.95 14.23 13.98
N ALA A 81 -8.59 13.65 12.83
CA ALA A 81 -7.74 14.35 11.85
C ALA A 81 -8.56 15.26 10.90
N GLY A 82 -9.89 15.27 11.07
CA GLY A 82 -10.77 16.14 10.28
C GLY A 82 -11.22 15.52 8.98
N ILE A 83 -11.24 14.19 8.95
CA ILE A 83 -11.46 13.44 7.73
C ILE A 83 -12.70 12.62 7.93
N ASN A 84 -13.64 12.73 6.99
CA ASN A 84 -14.86 11.94 7.04
C ASN A 84 -14.71 10.66 6.23
N ALA A 85 -14.08 9.67 6.86
CA ALA A 85 -13.77 8.38 6.23
C ALA A 85 -14.98 7.45 6.22
N HIS A 86 -14.90 6.45 5.35
CA HIS A 86 -15.90 5.41 5.24
C HIS A 86 -15.24 4.06 5.47
N GLY A 87 -15.59 3.41 6.58
CA GLY A 87 -14.95 2.16 6.98
C GLY A 87 -15.84 0.95 6.86
N TYR A 88 -15.29 -0.17 6.40
CA TYR A 88 -15.97 -1.45 6.18
C TYR A 88 -15.18 -2.61 6.80
N VAL A 89 -15.89 -3.54 7.44
CA VAL A 89 -15.30 -4.80 7.89
C VAL A 89 -15.29 -5.73 6.67
N CYS A 90 -14.10 -6.21 6.29
CA CYS A 90 -13.97 -7.16 5.19
C CYS A 90 -12.58 -7.74 5.20
N ASP A 91 -12.51 -9.07 5.04
CA ASP A 91 -11.25 -9.78 4.91
C ASP A 91 -10.83 -9.62 3.45
N VAL A 92 -9.58 -9.18 3.22
CA VAL A 92 -9.11 -8.96 1.82
C VAL A 92 -8.91 -10.26 1.02
N THR A 93 -8.81 -11.39 1.73
CA THR A 93 -8.67 -12.71 1.10
C THR A 93 -10.05 -13.32 0.75
N ASP A 94 -11.13 -12.63 1.15
CA ASP A 94 -12.50 -13.06 0.86
C ASP A 94 -13.04 -12.33 -0.39
N GLU A 95 -12.89 -12.97 -1.54
CA GLU A 95 -13.30 -12.33 -2.81
C GLU A 95 -14.77 -11.90 -2.83
N ASP A 96 -15.66 -12.83 -2.50
CA ASP A 96 -17.08 -12.48 -2.39
C ASP A 96 -17.32 -11.28 -1.45
N GLY A 97 -16.66 -11.29 -0.30
CA GLY A 97 -16.73 -10.17 0.64
C GLY A 97 -16.25 -8.86 0.03
N ILE A 98 -15.11 -8.93 -0.67
CA ILE A 98 -14.53 -7.73 -1.30
C ILE A 98 -15.41 -7.19 -2.41
N GLN A 99 -15.93 -8.09 -3.25
CA GLN A 99 -16.79 -7.66 -4.36
C GLN A 99 -18.03 -6.92 -3.82
N ALA A 100 -18.68 -7.52 -2.81
CA ALA A 100 -19.80 -6.90 -2.09
C ALA A 100 -19.48 -5.53 -1.47
N MET A 101 -18.30 -5.45 -0.82
CA MET A 101 -17.81 -4.17 -0.26
C MET A 101 -17.65 -3.12 -1.35
N VAL A 102 -17.05 -3.50 -2.49
CA VAL A 102 -16.87 -2.54 -3.58
C VAL A 102 -18.24 -2.08 -4.09
N ALA A 103 -19.17 -3.04 -4.24
CA ALA A 103 -20.56 -2.72 -4.60
C ALA A 103 -21.20 -1.69 -3.64
N GLN A 104 -21.01 -1.89 -2.32
CA GLN A 104 -21.51 -0.95 -1.29
C GLN A 104 -20.86 0.44 -1.38
N ILE A 105 -19.54 0.46 -1.55
CA ILE A 105 -18.80 1.72 -1.71
C ILE A 105 -19.33 2.47 -2.92
N GLU A 106 -19.52 1.77 -4.04
CA GLU A 106 -20.06 2.42 -5.26
C GLU A 106 -21.47 3.03 -5.07
N SER A 107 -22.32 2.35 -4.31
CA SER A 107 -23.66 2.88 -4.09
C SER A 107 -23.72 3.98 -3.02
N GLU A 108 -22.86 3.90 -1.99
CA GLU A 108 -22.88 4.83 -0.84
C GLU A 108 -21.93 6.00 -0.98
N VAL A 109 -20.85 5.83 -1.75
CA VAL A 109 -19.78 6.85 -1.83
C VAL A 109 -19.49 7.25 -3.27
N GLY A 110 -19.19 6.25 -4.11
CA GLY A 110 -18.90 6.53 -5.53
C GLY A 110 -17.90 5.52 -6.07
N ILE A 111 -17.45 5.73 -7.30
CA ILE A 111 -16.43 4.87 -7.93
C ILE A 111 -15.05 5.10 -7.28
N ILE A 112 -14.40 3.99 -6.95
CA ILE A 112 -13.03 4.00 -6.46
C ILE A 112 -12.07 4.37 -7.62
N ASP A 113 -11.44 5.52 -7.53
CA ASP A 113 -10.45 5.99 -8.53
C ASP A 113 -9.04 5.45 -8.26
N ILE A 114 -8.81 5.15 -6.98
CA ILE A 114 -7.45 4.85 -6.51
C ILE A 114 -7.58 3.72 -5.50
N LEU A 115 -6.83 2.63 -5.72
CA LEU A 115 -6.71 1.55 -4.76
C LEU A 115 -5.26 1.51 -4.20
N VAL A 116 -5.12 1.47 -2.89
CA VAL A 116 -3.83 1.19 -2.23
C VAL A 116 -3.93 -0.17 -1.53
N ASN A 117 -3.22 -1.16 -2.08
CA ASN A 117 -3.14 -2.47 -1.43
C ASN A 117 -2.11 -2.40 -0.31
N ASN A 118 -2.61 -2.03 0.87
CA ASN A 118 -1.76 -1.83 2.05
C ASN A 118 -1.91 -2.97 3.08
N ALA A 119 -3.08 -3.61 3.13
CA ALA A 119 -3.31 -4.65 4.12
C ALA A 119 -2.24 -5.73 4.00
N GLY A 120 -1.70 -6.14 5.13
CA GLY A 120 -0.75 -7.24 5.10
C GLY A 120 -0.47 -7.80 6.47
N ILE A 121 0.23 -8.93 6.48
CA ILE A 121 0.78 -9.53 7.67
C ILE A 121 2.25 -9.87 7.44
N ILE A 122 2.97 -10.01 8.53
CA ILE A 122 4.34 -10.51 8.51
C ILE A 122 4.43 -11.60 9.61
N ARG A 123 5.24 -12.63 9.33
CA ARG A 123 5.61 -13.64 10.28
C ARG A 123 7.12 -13.76 10.26
N ARG A 124 7.72 -14.02 11.42
CA ARG A 124 9.16 -14.26 11.50
C ARG A 124 9.37 -15.66 12.04
N VAL A 125 9.85 -16.54 11.17
CA VAL A 125 9.98 -17.99 11.46
C VAL A 125 11.03 -18.56 10.54
N PRO A 126 12.05 -19.25 11.09
CA PRO A 126 13.04 -19.92 10.18
C PRO A 126 12.30 -20.77 9.15
N MET A 127 12.70 -20.67 7.87
CA MET A 127 11.88 -21.26 6.82
C MET A 127 11.55 -22.75 7.07
N ILE A 128 12.55 -23.54 7.41
CA ILE A 128 12.36 -24.97 7.61
C ILE A 128 11.48 -25.26 8.85
N GLU A 129 11.36 -24.28 9.76
CA GLU A 129 10.43 -24.43 10.89
C GLU A 129 9.03 -23.97 10.55
N MET A 130 8.85 -23.22 9.44
CA MET A 130 7.54 -22.68 9.10
C MET A 130 6.60 -23.77 8.58
N THR A 131 5.38 -23.79 9.09
CA THR A 131 4.41 -24.76 8.64
C THR A 131 3.93 -24.29 7.26
N ALA A 132 3.51 -25.26 6.44
CA ALA A 132 2.96 -24.94 5.11
C ALA A 132 1.70 -24.08 5.24
N ALA A 133 0.87 -24.31 6.28
CA ALA A 133 -0.31 -23.47 6.49
C ALA A 133 0.09 -21.99 6.73
N GLN A 134 1.11 -21.78 7.53
CA GLN A 134 1.52 -20.41 7.90
C GLN A 134 2.14 -19.69 6.69
N PHE A 135 2.99 -20.41 5.96
CA PHE A 135 3.57 -19.89 4.68
C PHE A 135 2.46 -19.44 3.71
N ARG A 136 1.55 -20.36 3.42
CA ARG A 136 0.38 -20.14 2.58
C ARG A 136 -0.47 -18.98 3.08
N GLN A 137 -0.65 -18.83 4.39
CA GLN A 137 -1.44 -17.69 4.90
C GLN A 137 -0.81 -16.29 4.62
N VAL A 138 0.52 -16.18 4.76
CA VAL A 138 1.23 -14.93 4.43
C VAL A 138 1.11 -14.63 2.92
N ILE A 139 1.40 -15.63 2.07
CA ILE A 139 1.09 -15.56 0.63
C ILE A 139 -0.39 -15.14 0.34
N ASP A 140 -1.37 -15.77 1.00
CA ASP A 140 -2.75 -15.44 0.71
C ASP A 140 -3.07 -13.93 0.92
N ILE A 141 -2.68 -13.39 2.07
CA ILE A 141 -2.97 -11.99 2.45
C ILE A 141 -2.09 -10.99 1.70
N ASP A 142 -0.81 -11.33 1.54
CA ASP A 142 0.17 -10.35 1.02
C ASP A 142 0.31 -10.38 -0.52
N LEU A 143 -0.16 -11.46 -1.16
CA LEU A 143 -0.03 -11.60 -2.62
C LEU A 143 -1.37 -11.88 -3.34
N ASN A 144 -2.04 -12.95 -2.92
CA ASN A 144 -3.34 -13.29 -3.53
C ASN A 144 -4.38 -12.20 -3.32
N ALA A 145 -4.40 -11.62 -2.11
CA ALA A 145 -5.42 -10.63 -1.76
C ALA A 145 -5.30 -9.36 -2.57
N PRO A 146 -4.07 -8.83 -2.74
CA PRO A 146 -4.00 -7.69 -3.66
C PRO A 146 -4.48 -8.00 -5.09
N PHE A 147 -4.35 -9.24 -5.56
CA PHE A 147 -4.97 -9.59 -6.86
C PHE A 147 -6.52 -9.53 -6.75
N ILE A 148 -7.08 -10.08 -5.68
CA ILE A 148 -8.56 -10.09 -5.48
C ILE A 148 -9.10 -8.64 -5.50
N VAL A 149 -8.45 -7.78 -4.72
CA VAL A 149 -8.90 -6.39 -4.58
C VAL A 149 -8.72 -5.57 -5.88
N SER A 150 -7.60 -5.75 -6.56
CA SER A 150 -7.33 -5.12 -7.83
C SER A 150 -8.39 -5.55 -8.85
N LYS A 151 -8.61 -6.87 -8.95
CA LYS A 151 -9.63 -7.48 -9.78
C LYS A 151 -11.00 -6.82 -9.54
N ALA A 152 -11.35 -6.63 -8.27
CA ALA A 152 -12.65 -6.05 -7.90
C ALA A 152 -12.83 -4.56 -8.29
N VAL A 153 -11.75 -3.79 -8.28
CA VAL A 153 -11.83 -2.34 -8.63
C VAL A 153 -11.57 -2.01 -10.12
N ILE A 154 -10.87 -2.88 -10.84
CA ILE A 154 -10.43 -2.53 -12.18
C ILE A 154 -11.58 -2.24 -13.17
N PRO A 155 -12.64 -3.09 -13.20
CA PRO A 155 -13.75 -2.83 -14.17
C PRO A 155 -14.32 -1.41 -14.07
N SER A 156 -14.62 -0.95 -12.85
CA SER A 156 -15.07 0.44 -12.70
C SER A 156 -14.07 1.52 -13.04
N MET A 157 -12.79 1.26 -12.78
CA MET A 157 -11.74 2.22 -13.17
C MET A 157 -11.70 2.43 -14.69
N ILE A 158 -11.73 1.32 -15.40
CA ILE A 158 -11.78 1.30 -16.88
C ILE A 158 -12.99 2.12 -17.39
N LYS A 159 -14.17 1.88 -16.84
CA LYS A 159 -15.34 2.67 -17.23
C LYS A 159 -15.27 4.17 -16.86
N LYS A 160 -14.67 4.48 -15.73
CA LYS A 160 -14.43 5.88 -15.35
C LYS A 160 -13.41 6.57 -16.28
N GLY A 161 -12.58 5.76 -16.97
CA GLY A 161 -11.56 6.25 -17.89
C GLY A 161 -10.19 6.54 -17.29
N HIS A 162 -9.98 6.17 -16.02
CA HIS A 162 -8.68 6.36 -15.33
C HIS A 162 -8.73 5.56 -14.04
N GLY A 163 -7.65 4.85 -13.73
CA GLY A 163 -7.49 4.23 -12.42
C GLY A 163 -6.03 4.29 -11.96
N LYS A 164 -5.86 4.22 -10.64
CA LYS A 164 -4.54 4.05 -10.02
C LYS A 164 -4.62 2.87 -9.05
N ILE A 165 -3.60 2.01 -9.06
CA ILE A 165 -3.46 0.95 -8.04
C ILE A 165 -2.02 1.07 -7.51
N ILE A 166 -1.88 1.36 -6.21
CA ILE A 166 -0.57 1.47 -5.54
C ILE A 166 -0.39 0.24 -4.64
N ASN A 167 0.62 -0.57 -4.93
CA ASN A 167 0.85 -1.73 -4.09
C ASN A 167 1.94 -1.45 -3.06
N ILE A 168 1.64 -1.63 -1.78
CA ILE A 168 2.70 -1.46 -0.76
C ILE A 168 3.62 -2.67 -0.76
N CYS A 169 4.82 -2.44 -1.30
CA CYS A 169 5.82 -3.47 -1.38
C CYS A 169 6.74 -3.39 -0.13
N SER A 170 8.05 -3.59 -0.30
CA SER A 170 8.96 -3.66 0.85
C SER A 170 10.37 -3.66 0.29
N MET A 171 11.36 -3.42 1.13
CA MET A 171 12.71 -3.79 0.74
C MET A 171 12.85 -5.30 0.47
N MET A 172 11.98 -6.11 1.11
CA MET A 172 11.92 -7.58 0.87
C MET A 172 11.34 -7.95 -0.53
N SER A 173 10.85 -6.97 -1.28
CA SER A 173 10.56 -7.17 -2.73
C SER A 173 11.89 -7.35 -3.53
N GLU A 174 13.03 -7.00 -2.89
CA GLU A 174 14.36 -6.95 -3.55
C GLU A 174 15.43 -7.79 -2.86
N LEU A 175 15.35 -7.87 -1.53
CA LEU A 175 16.41 -8.49 -0.71
C LEU A 175 15.81 -9.44 0.30
N GLY A 176 16.49 -10.55 0.58
CA GLY A 176 16.02 -11.56 1.54
C GLY A 176 16.58 -11.35 2.96
N ARG A 177 16.07 -12.12 3.93
CA ARG A 177 16.60 -12.12 5.30
C ARG A 177 16.12 -13.39 6.02
N GLU A 178 16.94 -13.91 6.95
CA GLU A 178 16.50 -15.02 7.85
C GLU A 178 15.12 -14.68 8.40
N THR A 179 14.28 -15.71 8.53
CA THR A 179 12.98 -15.69 9.24
C THR A 179 11.82 -15.10 8.45
N VAL A 180 12.09 -14.37 7.37
CA VAL A 180 11.02 -13.74 6.60
C VAL A 180 10.82 -14.28 5.17
N SER A 181 11.11 -15.57 4.99
CA SER A 181 10.90 -16.27 3.71
C SER A 181 9.54 -16.08 3.02
N ALA A 182 8.44 -16.38 3.72
CA ALA A 182 7.07 -16.19 3.21
C ALA A 182 6.81 -14.75 2.83
N TYR A 183 7.17 -13.83 3.72
CA TYR A 183 6.95 -12.39 3.49
C TYR A 183 7.73 -11.91 2.22
N ALA A 184 9.01 -12.24 2.13
CA ALA A 184 9.83 -11.87 0.96
C ALA A 184 9.26 -12.47 -0.35
N ALA A 185 8.85 -13.73 -0.30
CA ALA A 185 8.26 -14.40 -1.47
C ALA A 185 6.99 -13.65 -1.90
N ALA A 186 6.08 -13.37 -0.95
CA ALA A 186 4.90 -12.53 -1.22
C ALA A 186 5.17 -11.14 -1.80
N LYS A 187 6.16 -10.43 -1.24
CA LYS A 187 6.46 -9.07 -1.67
C LYS A 187 7.18 -9.05 -3.01
N GLY A 188 8.00 -10.08 -3.23
CA GLY A 188 8.58 -10.29 -4.55
C GLY A 188 7.50 -10.54 -5.60
N GLY A 189 6.55 -11.42 -5.27
CA GLY A 189 5.35 -11.68 -6.09
C GLY A 189 4.55 -10.40 -6.31
N LEU A 190 4.41 -9.58 -5.28
CA LEU A 190 3.60 -8.38 -5.40
C LEU A 190 4.27 -7.37 -6.32
N LYS A 191 5.58 -7.32 -6.25
CA LYS A 191 6.35 -6.53 -7.21
C LYS A 191 5.98 -6.96 -8.65
N MET A 192 6.01 -8.27 -8.94
CA MET A 192 5.71 -8.69 -10.32
C MET A 192 4.23 -8.55 -10.66
N LEU A 193 3.36 -8.73 -9.67
CA LEU A 193 1.91 -8.49 -9.87
C LEU A 193 1.66 -7.03 -10.31
N THR A 194 2.39 -6.09 -9.68
CA THR A 194 2.37 -4.67 -10.05
C THR A 194 2.75 -4.48 -11.53
N LYS A 195 3.89 -5.06 -11.92
CA LYS A 195 4.36 -4.95 -13.31
C LYS A 195 3.40 -5.62 -14.30
N ASN A 196 2.82 -6.75 -13.90
CA ASN A 196 1.79 -7.39 -14.71
C ASN A 196 0.51 -6.58 -14.91
N ILE A 197 -0.05 -6.04 -13.84
CA ILE A 197 -1.25 -5.15 -13.94
C ILE A 197 -0.99 -3.91 -14.86
N ALA A 198 0.16 -3.28 -14.67
CA ALA A 198 0.64 -2.22 -15.56
C ALA A 198 0.63 -2.65 -17.03
N SER A 199 1.22 -3.81 -17.33
CA SER A 199 1.35 -4.36 -18.68
C SER A 199 -0.05 -4.67 -19.28
N GLU A 200 -0.91 -5.25 -18.46
CA GLU A 200 -2.20 -5.75 -18.93
C GLU A 200 -3.28 -4.68 -18.99
N TYR A 201 -3.23 -3.71 -18.08
CA TYR A 201 -4.28 -2.67 -18.00
C TYR A 201 -3.82 -1.24 -18.27
N GLY A 202 -2.52 -1.07 -18.55
CA GLY A 202 -1.97 0.24 -18.91
C GLY A 202 -2.66 0.88 -20.09
N GLU A 203 -3.08 0.06 -21.04
CA GLU A 203 -3.76 0.56 -22.24
C GLU A 203 -5.15 1.12 -21.90
N ALA A 204 -5.77 0.62 -20.83
CA ALA A 204 -7.05 1.16 -20.33
C ALA A 204 -6.92 2.36 -19.38
N ASN A 205 -5.73 2.97 -19.35
CA ASN A 205 -5.42 4.14 -18.52
C ASN A 205 -5.49 3.80 -17.03
N ILE A 206 -5.04 2.59 -16.70
CA ILE A 206 -4.70 2.26 -15.32
C ILE A 206 -3.17 2.31 -15.14
N GLN A 207 -2.74 3.09 -14.17
CA GLN A 207 -1.34 3.09 -13.73
C GLN A 207 -1.22 2.30 -12.43
N CYS A 208 -0.53 1.16 -12.49
CA CYS A 208 -0.27 0.37 -11.30
C CYS A 208 1.20 0.43 -10.94
N ASN A 209 1.51 0.92 -9.73
CA ASN A 209 2.89 1.13 -9.30
C ASN A 209 3.04 0.61 -7.87
N GLY A 210 4.28 0.56 -7.39
CA GLY A 210 4.57 0.17 -6.01
C GLY A 210 5.20 1.33 -5.22
N ILE A 211 4.91 1.33 -3.92
CA ILE A 211 5.69 2.08 -2.95
C ILE A 211 6.48 1.06 -2.13
N GLY A 212 7.79 1.19 -2.13
CA GLY A 212 8.62 0.30 -1.34
C GLY A 212 9.30 1.02 -0.19
N PRO A 213 8.67 1.01 1.01
CA PRO A 213 9.22 1.68 2.19
C PRO A 213 10.52 1.04 2.60
N GLY A 214 11.48 1.86 3.06
CA GLY A 214 12.73 1.39 3.67
C GLY A 214 12.49 0.95 5.11
N TYR A 215 13.37 1.38 6.01
CA TYR A 215 13.15 1.13 7.45
C TYR A 215 12.28 2.21 8.04
N ILE A 216 11.05 1.88 8.45
CA ILE A 216 10.12 2.89 8.97
C ILE A 216 9.92 2.67 10.46
N ALA A 217 10.20 3.73 11.23
CA ALA A 217 10.02 3.74 12.67
C ALA A 217 8.53 3.66 13.02
N THR A 218 8.09 2.50 13.49
CA THR A 218 6.70 2.31 13.89
C THR A 218 6.63 2.39 15.41
N PRO A 219 5.43 2.72 15.96
CA PRO A 219 5.18 2.54 17.39
C PRO A 219 5.67 1.16 17.86
N GLN A 220 5.23 0.12 17.14
CA GLN A 220 5.49 -1.28 17.49
C GLN A 220 6.93 -1.75 17.24
N THR A 221 7.91 -0.88 17.56
CA THR A 221 9.35 -1.20 17.43
C THR A 221 10.21 -0.46 18.46
N HIS A 234 21.28 1.84 20.92
CA HIS A 234 20.98 0.45 20.58
C HIS A 234 21.75 0.03 19.32
N PRO A 235 22.36 -1.17 19.34
CA PRO A 235 23.08 -1.71 18.16
C PRO A 235 22.23 -1.85 16.87
N PHE A 236 20.94 -2.17 17.02
CA PHE A 236 20.02 -2.28 15.87
C PHE A 236 19.76 -0.90 15.23
N ASP A 237 19.65 0.11 16.10
CA ASP A 237 19.54 1.51 15.74
C ASP A 237 20.78 1.97 14.99
N GLN A 238 21.97 1.67 15.51
CA GLN A 238 23.24 1.96 14.81
C GLN A 238 23.32 1.26 13.44
N PHE A 239 22.89 0.01 13.40
CA PHE A 239 22.87 -0.82 12.19
C PHE A 239 22.05 -0.13 11.07
N ILE A 240 20.85 0.34 11.41
CA ILE A 240 19.91 0.93 10.43
C ILE A 240 20.45 2.28 9.97
N ILE A 241 20.87 3.08 10.95
CA ILE A 241 21.46 4.38 10.68
C ILE A 241 22.71 4.30 9.75
N ALA A 242 23.60 3.35 9.98
CA ALA A 242 24.76 3.10 9.09
C ALA A 242 24.39 2.70 7.66
N LYS A 243 23.45 1.76 7.52
CA LYS A 243 22.93 1.28 6.20
C LYS A 243 22.24 2.35 5.34
N THR A 244 21.83 3.45 5.98
CA THR A 244 20.96 4.45 5.34
C THR A 244 21.73 5.75 5.09
N PRO A 245 21.99 6.11 3.81
CA PRO A 245 22.67 7.38 3.50
C PRO A 245 22.06 8.59 4.24
N ALA A 246 20.71 8.66 4.29
CA ALA A 246 20.00 9.72 4.98
C ALA A 246 20.33 9.75 6.48
N ALA A 247 20.83 8.61 6.99
CA ALA A 247 21.34 8.46 8.39
C ALA A 247 20.27 8.70 9.46
N ARG A 248 19.07 8.20 9.15
CA ARG A 248 17.94 8.21 10.08
C ARG A 248 16.97 7.10 9.68
N TRP A 249 16.14 6.66 10.64
CA TRP A 249 14.99 5.84 10.31
C TRP A 249 14.04 6.66 9.43
N GLY A 250 13.33 6.00 8.52
CA GLY A 250 12.22 6.63 7.85
C GLY A 250 11.05 6.72 8.80
N GLU A 251 10.07 7.55 8.46
CA GLU A 251 8.81 7.63 9.21
C GLU A 251 7.65 7.54 8.20
N ALA A 252 6.45 7.21 8.67
CA ALA A 252 5.30 7.05 7.77
C ALA A 252 5.07 8.32 6.98
N GLU A 253 5.42 9.47 7.56
CA GLU A 253 5.30 10.77 6.88
C GLU A 253 6.14 10.85 5.59
N ASP A 254 7.27 10.15 5.56
CA ASP A 254 8.13 10.06 4.36
C ASP A 254 7.42 9.36 3.19
N LEU A 255 6.38 8.59 3.49
CA LEU A 255 5.67 7.85 2.43
C LEU A 255 4.55 8.64 1.78
N MET A 256 4.13 9.73 2.43
CA MET A 256 2.94 10.50 2.04
C MET A 256 3.06 11.20 0.67
N GLY A 257 4.09 12.03 0.52
CA GLY A 257 4.43 12.66 -0.80
C GLY A 257 4.54 11.65 -1.95
N PRO A 258 5.40 10.61 -1.80
CA PRO A 258 5.49 9.56 -2.85
C PRO A 258 4.13 8.90 -3.15
N ALA A 259 3.34 8.57 -2.11
CA ALA A 259 2.03 7.94 -2.33
C ALA A 259 1.00 8.83 -3.06
N VAL A 260 0.99 10.14 -2.71
CA VAL A 260 0.11 11.12 -3.38
C VAL A 260 0.57 11.28 -4.84
N PHE A 261 1.88 11.45 -5.06
CA PHE A 261 2.42 11.51 -6.41
C PHE A 261 1.88 10.34 -7.29
N LEU A 262 2.02 9.10 -6.81
CA LEU A 262 1.57 7.92 -7.57
C LEU A 262 0.02 7.82 -7.77
N ALA A 263 -0.76 8.38 -6.86
CA ALA A 263 -2.23 8.42 -6.99
C ALA A 263 -2.74 9.55 -7.89
N SER A 264 -1.85 10.42 -8.33
CA SER A 264 -2.26 11.66 -9.01
C SER A 264 -1.96 11.69 -10.51
N ASP A 265 -2.49 12.72 -11.19
CA ASP A 265 -2.23 12.96 -12.63
C ASP A 265 -0.78 13.27 -12.94
N ALA A 266 -0.04 13.72 -11.93
CA ALA A 266 1.38 13.99 -12.03
C ALA A 266 2.26 12.77 -12.33
N SER A 267 1.71 11.58 -12.18
CA SER A 267 2.46 10.36 -12.49
C SER A 267 1.77 9.53 -13.58
N ASN A 268 0.96 10.17 -14.44
CA ASN A 268 0.18 9.40 -15.40
C ASN A 268 0.99 8.54 -16.38
N PHE A 269 2.23 8.92 -16.65
CA PHE A 269 3.11 8.12 -17.50
C PHE A 269 4.14 7.27 -16.69
N VAL A 270 3.90 7.17 -15.39
CA VAL A 270 4.63 6.24 -14.55
C VAL A 270 3.75 5.03 -14.33
N ASN A 271 4.26 3.87 -14.74
CA ASN A 271 3.51 2.61 -14.78
C ASN A 271 4.44 1.42 -14.68
N GLY A 272 4.03 0.46 -13.83
CA GLY A 272 4.73 -0.83 -13.55
C GLY A 272 6.04 -0.58 -12.80
N HIS A 273 6.07 0.52 -12.06
CA HIS A 273 7.29 1.01 -11.42
C HIS A 273 7.21 0.89 -9.89
N ILE A 274 8.30 0.44 -9.26
CA ILE A 274 8.38 0.35 -7.78
C ILE A 274 9.21 1.52 -7.31
N LEU A 275 8.49 2.46 -6.71
CA LEU A 275 9.08 3.64 -6.13
C LEU A 275 9.60 3.31 -4.73
N TYR A 276 10.91 3.14 -4.60
CA TYR A 276 11.49 2.93 -3.25
C TYR A 276 11.68 4.24 -2.48
N VAL A 277 11.27 4.23 -1.21
CA VAL A 277 11.28 5.39 -0.34
C VAL A 277 12.05 4.94 0.92
N ASP A 278 13.36 5.00 0.84
CA ASP A 278 14.24 4.31 1.79
C ASP A 278 15.47 5.12 2.23
N GLY A 279 15.48 6.41 1.89
CA GLY A 279 16.57 7.31 2.22
C GLY A 279 17.93 6.91 1.62
N GLY A 280 17.90 6.05 0.60
CA GLY A 280 19.12 5.57 -0.05
C GLY A 280 19.61 4.16 0.25
N ILE A 281 18.90 3.41 1.08
CA ILE A 281 19.36 2.05 1.45
C ILE A 281 19.70 1.18 0.24
N LEU A 282 18.74 1.00 -0.67
CA LEU A 282 18.89 0.11 -1.84
C LEU A 282 20.01 0.51 -2.79
N ALA A 283 20.45 1.78 -2.71
CA ALA A 283 21.50 2.31 -3.55
C ALA A 283 22.91 2.18 -2.93
N TYR A 284 22.95 1.79 -1.66
CA TYR A 284 24.18 1.96 -0.86
C TYR A 284 24.76 0.61 -0.42
N ILE A 285 26.06 0.41 -0.62
CA ILE A 285 26.68 -0.83 -0.12
C ILE A 285 26.76 -0.87 1.45
N GLY A 286 26.77 0.29 2.10
CA GLY A 286 26.74 0.36 3.56
C GLY A 286 27.92 1.16 4.12
N LYS A 287 27.76 1.67 5.34
CA LYS A 287 28.85 2.39 6.00
C LYS A 287 29.80 1.41 6.67
N GLN A 288 30.98 1.25 6.07
CA GLN A 288 31.94 0.27 6.54
C GLN A 288 32.86 0.87 7.60
N PRO A 289 33.45 0.01 8.45
CA PRO A 289 34.58 0.48 9.27
C PRO A 289 35.87 0.47 8.44
#